data_7LG4
#
_entry.id   7LG4
#
_cell.length_a   34.089
_cell.length_b   47.488
_cell.length_c   69.294
_cell.angle_alpha   90.000
_cell.angle_beta   102.010
_cell.angle_gamma   90.000
#
_symmetry.space_group_name_H-M   'P 1 21 1'
#
loop_
_entity.id
_entity.type
_entity.pdbx_description
1 polymer 'Green fluorescent protein'
2 non-polymer 1,2-ETHANEDIOL
3 non-polymer DI(HYDROXYETHYL)ETHER
4 non-polymer GLYCEROL
5 water water
#
_entity_poly.entity_id   1
_entity_poly.type   'polypeptide(L)'
_entity_poly.pdbx_seq_one_letter_code
;MHHHHHHSKGEELFTGIVPVLIELDGDVHGHKFSVRGEGEGDADYGKLEIKFICTTGKLPVPWPTLVTTL(GYS)ILCFA
RYPEHMKMNDFFKSAMPEGYIQERTIFFQDDGKYKTRGEVKFEGDTLVNRIELKGMDFKEDGNILGHKLEYNFNSHNVYI
MPDKANNGLKVNFKIRHNIEGGGVQLADHYQTNVPLGDGPVLIPINHYLSCQTAISKDRNETRDHMVFLEFFSACGHTHG
MDELYK
;
_entity_poly.pdbx_strand_id   A
#
loop_
_chem_comp.id
_chem_comp.type
_chem_comp.name
_chem_comp.formula
EDO non-polymer 1,2-ETHANEDIOL 'C2 H6 O2'
GOL non-polymer GLYCEROL 'C3 H8 O3'
PEG non-polymer DI(HYDROXYETHYL)ETHER 'C4 H10 O3'
#
# COMPACT_ATOMS: atom_id res chain seq x y z
N HIS A 5 14.53 10.36 18.91
CA HIS A 5 14.37 10.60 17.43
C HIS A 5 15.14 11.88 17.05
N HIS A 6 15.99 11.84 16.02
CA HIS A 6 16.91 12.96 15.66
C HIS A 6 17.07 13.16 14.14
N HIS A 7 16.22 12.55 13.29
CA HIS A 7 16.34 12.85 11.84
CA HIS A 7 16.27 12.67 11.80
C HIS A 7 15.08 13.52 11.30
N SER A 8 13.89 13.30 11.87
CA SER A 8 12.64 14.02 11.47
C SER A 8 11.66 14.16 12.64
N LYS A 9 10.92 15.28 12.67
CA LYS A 9 9.87 15.51 13.70
C LYS A 9 8.75 14.49 13.51
N GLY A 10 8.43 14.17 12.26
CA GLY A 10 7.29 13.29 11.96
C GLY A 10 7.47 11.90 12.53
N GLU A 11 8.72 11.46 12.77
CA GLU A 11 9.03 10.15 13.40
C GLU A 11 8.27 10.04 14.73
N GLU A 12 8.24 11.13 15.49
CA GLU A 12 7.66 11.17 16.85
C GLU A 12 6.17 10.79 16.79
N LEU A 13 5.49 11.05 15.68
CA LEU A 13 4.07 10.71 15.51
C LEU A 13 3.86 9.19 15.47
N PHE A 14 4.92 8.38 15.32
CA PHE A 14 4.82 6.90 15.10
C PHE A 14 5.30 6.13 16.34
N THR A 15 5.52 6.80 17.47
CA THR A 15 5.86 6.10 18.73
C THR A 15 4.60 5.36 19.20
N GLY A 16 4.75 4.09 19.56
CA GLY A 16 3.66 3.24 20.04
C GLY A 16 2.73 2.78 18.93
N ILE A 17 1.46 2.63 19.26
CA ILE A 17 0.42 2.11 18.34
C ILE A 17 -0.32 3.31 17.76
N VAL A 18 -0.41 3.38 16.43
CA VAL A 18 -1.17 4.46 15.73
C VAL A 18 -2.41 3.86 15.06
N PRO A 19 -3.62 4.41 15.31
CA PRO A 19 -4.82 4.00 14.59
C PRO A 19 -4.69 4.27 13.09
N VAL A 20 -5.24 3.38 12.28
CA VAL A 20 -5.21 3.46 10.79
C VAL A 20 -6.64 3.42 10.26
N LEU A 21 -6.93 4.30 9.31
CA LEU A 21 -8.18 4.29 8.55
C LEU A 21 -7.85 4.32 7.06
N ILE A 22 -8.39 3.37 6.31
CA ILE A 22 -8.15 3.30 4.85
C ILE A 22 -9.51 3.38 4.14
N GLU A 23 -9.63 4.31 3.21
CA GLU A 23 -10.85 4.47 2.39
C GLU A 23 -10.48 4.46 0.92
N LEU A 24 -10.94 3.42 0.21
CA LEU A 24 -10.66 3.20 -1.21
C LEU A 24 -11.98 3.27 -1.96
N ASP A 25 -11.99 4.14 -2.96
CA ASP A 25 -13.05 4.29 -4.00
C ASP A 25 -12.52 3.69 -5.29
N GLY A 26 -13.15 2.66 -5.80
CA GLY A 26 -12.69 2.02 -7.04
C GLY A 26 -13.76 1.99 -8.09
N ASP A 27 -13.29 1.85 -9.33
CA ASP A 27 -14.14 1.78 -10.55
C ASP A 27 -13.36 0.98 -11.57
N VAL A 28 -13.73 -0.29 -11.78
CA VAL A 28 -13.05 -1.19 -12.76
C VAL A 28 -14.13 -1.77 -13.67
N HIS A 29 -14.00 -1.49 -14.96
CA HIS A 29 -14.83 -2.09 -16.04
C HIS A 29 -16.31 -1.92 -15.70
N GLY A 30 -16.70 -0.71 -15.26
CA GLY A 30 -18.12 -0.37 -15.02
C GLY A 30 -18.62 -0.81 -13.65
N HIS A 31 -17.75 -1.37 -12.81
CA HIS A 31 -18.10 -1.81 -11.43
C HIS A 31 -17.51 -0.82 -10.43
N LYS A 32 -18.37 -0.06 -9.76
CA LYS A 32 -17.95 0.86 -8.67
C LYS A 32 -17.95 0.08 -7.37
N PHE A 33 -16.97 0.30 -6.53
CA PHE A 33 -16.89 -0.36 -5.21
C PHE A 33 -16.14 0.57 -4.27
N SER A 34 -16.37 0.33 -2.99
CA SER A 34 -15.73 1.01 -1.85
C SER A 34 -15.18 -0.05 -0.90
N VAL A 35 -13.99 0.21 -0.39
CA VAL A 35 -13.36 -0.62 0.66
C VAL A 35 -13.05 0.30 1.83
N ARG A 36 -13.39 -0.14 3.03
CA ARG A 36 -13.04 0.59 4.27
C ARG A 36 -12.14 -0.34 5.08
N GLY A 37 -10.97 0.12 5.51
CA GLY A 37 -10.07 -0.65 6.40
C GLY A 37 -9.91 0.09 7.73
N GLU A 38 -9.88 -0.66 8.83
CA GLU A 38 -9.64 -0.12 10.20
C GLU A 38 -8.66 -1.03 10.88
N GLY A 39 -7.68 -0.43 11.55
CA GLY A 39 -6.71 -1.21 12.30
C GLY A 39 -5.70 -0.33 12.98
N GLU A 40 -4.48 -0.84 13.09
CA GLU A 40 -3.40 -0.25 13.90
C GLU A 40 -2.05 -0.53 13.26
N GLY A 41 -1.15 0.43 13.40
CA GLY A 41 0.25 0.32 12.95
C GLY A 41 1.21 0.52 14.12
N ASP A 42 2.29 -0.26 14.14
CA ASP A 42 3.36 -0.25 15.15
C ASP A 42 4.66 -0.15 14.36
N ALA A 43 5.08 1.08 14.04
CA ALA A 43 6.21 1.39 13.15
C ALA A 43 7.52 0.90 13.77
N ASP A 44 7.62 0.86 15.09
CA ASP A 44 8.83 0.33 15.75
C ASP A 44 8.95 -1.17 15.43
N TYR A 45 7.84 -1.86 15.12
CA TYR A 45 7.83 -3.31 14.77
C TYR A 45 7.72 -3.49 13.25
N GLY A 46 7.49 -2.41 12.48
CA GLY A 46 7.10 -2.49 11.07
C GLY A 46 5.81 -3.28 10.88
N LYS A 47 4.87 -3.22 11.83
CA LYS A 47 3.69 -4.12 11.80
C LYS A 47 2.37 -3.38 11.50
N LEU A 48 1.58 -3.93 10.58
CA LEU A 48 0.16 -3.54 10.35
C LEU A 48 -0.78 -4.70 10.68
N GLU A 49 -1.89 -4.37 11.35
CA GLU A 49 -3.05 -5.26 11.58
C GLU A 49 -4.29 -4.45 11.19
N ILE A 50 -4.95 -4.85 10.12
CA ILE A 50 -6.10 -4.11 9.55
C ILE A 50 -7.15 -5.15 9.17
N LYS A 51 -8.42 -4.80 9.34
CA LYS A 51 -9.51 -5.56 8.70
C LYS A 51 -10.16 -4.64 7.67
N PHE A 52 -10.29 -5.15 6.45
CA PHE A 52 -10.89 -4.47 5.31
C PHE A 52 -12.24 -5.09 5.00
N ILE A 53 -13.19 -4.22 4.70
CA ILE A 53 -14.58 -4.61 4.30
CA ILE A 53 -14.60 -4.56 4.32
C ILE A 53 -14.92 -3.91 2.96
N CYS A 54 -15.47 -4.67 2.03
CA CYS A 54 -16.13 -4.08 0.85
C CYS A 54 -17.49 -3.56 1.29
N THR A 55 -17.66 -2.23 1.38
CA THR A 55 -18.91 -1.61 1.95
C THR A 55 -20.01 -1.54 0.87
N THR A 56 -19.74 -1.93 -0.37
CA THR A 56 -20.68 -1.82 -1.51
C THR A 56 -21.21 -3.21 -1.90
N GLY A 57 -20.84 -4.28 -1.20
CA GLY A 57 -21.28 -5.64 -1.52
C GLY A 57 -20.11 -6.53 -1.88
N LYS A 58 -20.20 -7.22 -3.01
CA LYS A 58 -19.14 -8.17 -3.47
C LYS A 58 -18.04 -7.35 -4.14
N LEU A 59 -16.79 -7.65 -3.81
CA LEU A 59 -15.65 -7.00 -4.49
C LEU A 59 -15.60 -7.54 -5.92
N PRO A 60 -15.52 -6.68 -6.96
CA PRO A 60 -15.48 -7.15 -8.35
C PRO A 60 -14.06 -7.49 -8.86
N VAL A 61 -13.04 -7.36 -8.00
CA VAL A 61 -11.65 -7.81 -8.26
C VAL A 61 -11.21 -8.70 -7.10
N PRO A 62 -10.12 -9.50 -7.24
CA PRO A 62 -9.58 -10.26 -6.12
C PRO A 62 -8.94 -9.33 -5.09
N TRP A 63 -9.19 -9.66 -3.83
CA TRP A 63 -8.61 -8.96 -2.67
C TRP A 63 -7.09 -8.85 -2.83
N PRO A 64 -6.35 -9.93 -3.20
CA PRO A 64 -4.88 -9.81 -3.33
C PRO A 64 -4.43 -8.67 -4.27
N THR A 65 -5.24 -8.35 -5.31
CA THR A 65 -4.84 -7.32 -6.31
C THR A 65 -4.95 -5.91 -5.71
N LEU A 66 -5.54 -5.75 -4.52
CA LEU A 66 -5.77 -4.45 -3.84
C LEU A 66 -4.79 -4.22 -2.67
N VAL A 67 -4.07 -5.24 -2.22
CA VAL A 67 -3.16 -5.15 -1.05
C VAL A 67 -2.25 -3.91 -1.15
N THR A 68 -1.52 -3.77 -2.26
CA THR A 68 -0.50 -2.70 -2.39
C THR A 68 -1.19 -1.33 -2.38
N THR A 69 -2.40 -1.22 -2.95
CA THR A 69 -3.14 0.06 -3.01
C THR A 69 -3.60 0.41 -1.61
N LEU A 70 -4.20 -0.56 -0.92
CA LEU A 70 -4.71 -0.35 0.45
C LEU A 70 -3.55 -0.07 1.41
N1 GYS A 71 -2.51 -0.88 1.31
OG1 GYS A 71 -0.27 -2.16 3.94
CB1 GYS A 71 -1.34 -2.17 2.98
CA1 GYS A 71 -1.37 -0.89 2.19
C1 GYS A 71 -0.12 -0.77 1.35
N2 GYS A 71 0.72 -1.69 1.03
N3 GYS A 71 0.27 0.44 0.82
C2 GYS A 71 1.39 0.29 0.11
O2 GYS A 71 1.99 1.20 -0.50
CA2 GYS A 71 1.70 -1.13 0.23
CA3 GYS A 71 -0.42 1.74 0.88
CB2 GYS A 71 2.79 -1.72 -0.39
CG2 GYS A 71 3.14 -3.15 -0.44
CD1 GYS A 71 4.25 -3.43 -1.29
CD2 GYS A 71 2.55 -4.21 0.28
CE1 GYS A 71 4.77 -4.69 -1.41
CE2 GYS A 71 3.08 -5.46 0.14
CZ GYS A 71 4.18 -5.71 -0.70
OH GYS A 71 4.69 -6.93 -0.81
C3 GYS A 71 0.10 2.72 1.87
O3 GYS A 71 -0.23 3.99 1.65
N ILE A 72 0.59 2.16 3.01
CA ILE A 72 0.89 3.12 4.08
C ILE A 72 2.32 2.81 4.55
N LEU A 73 3.32 3.22 3.74
CA LEU A 73 4.74 2.78 3.89
C LEU A 73 5.40 3.53 5.05
N CYS A 74 4.72 4.53 5.58
CA CYS A 74 5.14 5.24 6.82
C CYS A 74 5.23 4.27 8.00
N PHE A 75 4.67 3.06 7.92
CA PHE A 75 4.70 2.10 9.06
C PHE A 75 5.90 1.16 8.95
N ALA A 76 6.77 1.32 7.94
CA ALA A 76 8.02 0.53 7.80
C ALA A 76 8.89 0.70 9.05
N ARG A 77 9.54 -0.37 9.46
CA ARG A 77 10.64 -0.27 10.47
C ARG A 77 11.91 0.16 9.76
N TYR A 78 12.37 1.38 9.99
CA TYR A 78 13.71 1.83 9.54
C TYR A 78 14.68 1.61 10.70
N PRO A 79 15.68 0.73 10.55
CA PRO A 79 16.69 0.57 11.59
C PRO A 79 17.43 1.91 11.75
N GLU A 80 17.94 2.21 12.95
CA GLU A 80 18.70 3.45 13.25
C GLU A 80 19.59 3.88 12.07
N HIS A 81 20.50 3.02 11.62
CA HIS A 81 21.51 3.34 10.57
C HIS A 81 20.81 3.72 9.25
N MET A 82 19.49 3.49 9.11
CA MET A 82 18.72 3.79 7.87
C MET A 82 17.74 4.95 8.07
N LYS A 83 17.57 5.48 9.29
CA LYS A 83 16.41 6.39 9.62
C LYS A 83 16.46 7.73 8.86
N MET A 84 17.65 8.13 8.39
CA MET A 84 17.91 9.33 7.55
C MET A 84 17.22 9.19 6.19
N ASN A 85 16.78 7.97 5.85
CA ASN A 85 16.26 7.58 4.53
C ASN A 85 14.73 7.50 4.59
N ASP A 86 14.12 7.79 5.76
CA ASP A 86 12.65 7.59 5.94
C ASP A 86 11.88 8.87 5.54
N PHE A 87 11.68 9.00 4.24
CA PHE A 87 10.82 10.03 3.61
C PHE A 87 9.42 9.98 4.22
N PHE A 88 8.84 8.78 4.30
CA PHE A 88 7.41 8.59 4.60
C PHE A 88 7.06 9.26 5.94
N LYS A 89 7.84 8.98 6.99
CA LYS A 89 7.50 9.57 8.30
C LYS A 89 7.80 11.07 8.30
N SER A 90 8.86 11.48 7.60
CA SER A 90 9.36 12.89 7.55
C SER A 90 8.27 13.84 7.05
N ALA A 91 7.40 13.37 6.14
CA ALA A 91 6.33 14.16 5.52
C ALA A 91 5.15 14.37 6.47
N MET A 92 5.13 13.67 7.60
CA MET A 92 4.01 13.71 8.54
C MET A 92 4.18 14.91 9.46
N PRO A 93 3.09 15.53 9.97
CA PRO A 93 1.71 15.06 9.72
C PRO A 93 0.97 15.43 8.43
N GLU A 94 1.48 16.39 7.63
CA GLU A 94 0.76 16.90 6.43
C GLU A 94 0.66 15.77 5.39
N GLY A 95 1.66 14.89 5.32
CA GLY A 95 1.56 13.62 4.60
C GLY A 95 2.10 13.71 3.19
N TYR A 96 1.69 12.78 2.33
CA TYR A 96 2.26 12.70 0.96
C TYR A 96 1.19 12.15 0.04
N ILE A 97 1.31 12.48 -1.24
CA ILE A 97 0.52 11.84 -2.30
C ILE A 97 1.29 10.60 -2.74
N GLN A 98 0.59 9.48 -2.89
CA GLN A 98 1.17 8.26 -3.46
C GLN A 98 0.37 7.95 -4.71
N GLU A 99 1.07 7.82 -5.82
CA GLU A 99 0.42 7.60 -7.12
C GLU A 99 1.05 6.35 -7.73
N ARG A 100 0.23 5.50 -8.31
CA ARG A 100 0.77 4.31 -9.03
C ARG A 100 0.04 4.12 -10.35
N THR A 101 0.74 3.45 -11.29
CA THR A 101 0.10 2.63 -12.34
C THR A 101 0.56 1.20 -12.10
N ILE A 102 -0.39 0.28 -11.99
CA ILE A 102 -0.08 -1.16 -11.82
C ILE A 102 -0.47 -1.89 -13.10
N PHE A 103 0.49 -2.41 -13.85
CA PHE A 103 0.24 -3.13 -15.12
C PHE A 103 0.08 -4.62 -14.85
N PHE A 104 -1.11 -5.19 -15.08
CA PHE A 104 -1.28 -6.67 -15.00
C PHE A 104 -0.89 -7.23 -16.37
N GLN A 105 0.12 -8.09 -16.40
CA GLN A 105 0.65 -8.68 -17.66
C GLN A 105 -0.52 -9.32 -18.42
N ASP A 106 -0.63 -9.03 -19.72
CA ASP A 106 -1.67 -9.61 -20.61
C ASP A 106 -3.07 -9.25 -20.11
N ASP A 107 -3.22 -8.15 -19.37
CA ASP A 107 -4.54 -7.69 -18.87
C ASP A 107 -4.49 -6.18 -18.60
N GLY A 108 -5.46 -5.67 -17.86
CA GLY A 108 -5.62 -4.22 -17.64
C GLY A 108 -4.65 -3.67 -16.63
N LYS A 109 -4.88 -2.41 -16.28
CA LYS A 109 -4.03 -1.66 -15.35
C LYS A 109 -4.89 -0.97 -14.31
N TYR A 110 -4.34 -0.83 -13.11
CA TYR A 110 -4.86 0.08 -12.06
C TYR A 110 -4.10 1.40 -12.13
N LYS A 111 -4.85 2.49 -12.09
CA LYS A 111 -4.31 3.85 -11.86
C LYS A 111 -4.80 4.27 -10.48
N THR A 112 -3.89 4.51 -9.55
CA THR A 112 -4.27 4.89 -8.18
C THR A 112 -3.65 6.21 -7.75
N ARG A 113 -4.38 6.94 -6.92
CA ARG A 113 -3.87 8.19 -6.32
CA ARG A 113 -3.86 8.19 -6.33
C ARG A 113 -4.45 8.31 -4.92
N GLY A 114 -3.57 8.47 -3.94
CA GLY A 114 -4.02 8.52 -2.53
C GLY A 114 -3.33 9.64 -1.82
N GLU A 115 -3.95 10.15 -0.76
CA GLU A 115 -3.26 10.96 0.25
C GLU A 115 -3.10 10.11 1.52
N VAL A 116 -1.88 10.04 2.02
CA VAL A 116 -1.52 9.37 3.30
C VAL A 116 -1.12 10.47 4.27
N LYS A 117 -1.90 10.68 5.31
CA LYS A 117 -1.67 11.83 6.23
C LYS A 117 -2.41 11.64 7.55
N PHE A 118 -2.01 12.39 8.57
CA PHE A 118 -2.74 12.34 9.85
C PHE A 118 -3.97 13.21 9.74
N GLU A 119 -5.09 12.67 10.21
CA GLU A 119 -6.38 13.37 10.46
C GLU A 119 -6.60 13.25 11.96
N GLY A 120 -6.25 14.30 12.69
CA GLY A 120 -6.15 14.20 14.16
C GLY A 120 -5.20 13.06 14.55
N ASP A 121 -5.67 12.13 15.39
CA ASP A 121 -4.86 11.03 15.95
C ASP A 121 -4.62 9.93 14.92
N THR A 122 -5.38 9.89 13.82
CA THR A 122 -5.45 8.70 12.93
C THR A 122 -4.60 8.91 11.67
N LEU A 123 -3.85 7.87 11.29
CA LEU A 123 -3.15 7.81 9.99
C LEU A 123 -4.17 7.34 8.95
N VAL A 124 -4.47 8.19 7.96
CA VAL A 124 -5.50 7.88 6.94
C VAL A 124 -4.85 7.70 5.57
N ASN A 125 -5.24 6.67 4.86
CA ASN A 125 -4.98 6.51 3.40
C ASN A 125 -6.31 6.69 2.66
N ARG A 126 -6.53 7.82 2.00
CA ARG A 126 -7.77 8.08 1.20
C ARG A 126 -7.39 7.95 -0.27
N ILE A 127 -7.91 6.92 -0.95
CA ILE A 127 -7.35 6.54 -2.28
C ILE A 127 -8.43 6.22 -3.30
N GLU A 128 -8.18 6.66 -4.53
CA GLU A 128 -9.05 6.35 -5.70
C GLU A 128 -8.33 5.35 -6.59
N LEU A 129 -9.07 4.41 -7.14
CA LEU A 129 -8.54 3.45 -8.12
C LEU A 129 -9.45 3.39 -9.34
N LYS A 130 -8.81 3.44 -10.52
CA LYS A 130 -9.45 3.19 -11.83
CA LYS A 130 -9.42 3.21 -11.85
C LYS A 130 -8.80 1.97 -12.46
N GLY A 131 -9.64 1.04 -12.93
CA GLY A 131 -9.15 -0.14 -13.64
C GLY A 131 -9.46 0.01 -15.10
N MET A 132 -8.45 0.11 -15.96
CA MET A 132 -8.65 0.37 -17.41
C MET A 132 -8.23 -0.88 -18.22
N ASP A 133 -8.99 -1.21 -19.27
CA ASP A 133 -8.57 -2.20 -20.29
C ASP A 133 -8.54 -3.62 -19.73
N PHE A 134 -9.42 -3.96 -18.80
CA PHE A 134 -9.39 -5.31 -18.20
C PHE A 134 -10.18 -6.28 -19.09
N LYS A 135 -9.76 -7.55 -19.15
CA LYS A 135 -10.46 -8.68 -19.81
C LYS A 135 -11.55 -9.21 -18.88
N GLU A 136 -12.78 -9.32 -19.37
CA GLU A 136 -13.95 -9.79 -18.54
C GLU A 136 -13.72 -11.21 -18.03
N ASP A 137 -12.92 -12.00 -18.73
CA ASP A 137 -12.68 -13.43 -18.43
C ASP A 137 -11.22 -13.62 -18.04
N GLY A 138 -10.51 -12.53 -17.75
CA GLY A 138 -9.10 -12.57 -17.32
C GLY A 138 -8.99 -13.02 -15.88
N ASN A 139 -7.78 -13.08 -15.35
CA ASN A 139 -7.51 -13.57 -13.98
C ASN A 139 -8.09 -12.61 -12.92
N ILE A 140 -8.31 -11.34 -13.28
CA ILE A 140 -8.74 -10.29 -12.31
C ILE A 140 -10.28 -10.27 -12.27
N LEU A 141 -10.94 -9.98 -13.38
CA LEU A 141 -12.41 -9.81 -13.38
C LEU A 141 -13.06 -11.20 -13.23
N GLY A 142 -12.37 -12.27 -13.62
CA GLY A 142 -12.84 -13.65 -13.48
C GLY A 142 -12.47 -14.29 -12.14
N HIS A 143 -11.80 -13.56 -11.23
CA HIS A 143 -11.53 -14.00 -9.83
C HIS A 143 -10.77 -15.34 -9.89
N LYS A 144 -9.62 -15.39 -10.59
CA LYS A 144 -8.85 -16.64 -10.80
C LYS A 144 -7.56 -16.64 -10.00
N LEU A 145 -7.39 -15.72 -9.05
CA LEU A 145 -6.14 -15.64 -8.25
C LEU A 145 -6.37 -16.25 -6.86
N GLU A 146 -5.42 -17.04 -6.37
CA GLU A 146 -5.41 -17.62 -5.01
C GLU A 146 -5.49 -16.48 -3.97
N TYR A 147 -6.18 -16.76 -2.85
CA TYR A 147 -6.29 -15.88 -1.66
C TYR A 147 -5.02 -15.94 -0.81
N ASN A 148 -3.94 -15.34 -1.30
CA ASN A 148 -2.64 -15.31 -0.58
C ASN A 148 -1.83 -14.14 -1.13
N PHE A 149 -0.66 -13.91 -0.55
CA PHE A 149 0.20 -12.77 -0.92
C PHE A 149 1.64 -13.11 -0.54
N ASN A 150 2.53 -13.17 -1.53
CA ASN A 150 3.94 -13.58 -1.29
C ASN A 150 4.77 -12.39 -0.78
N SER A 151 5.95 -12.69 -0.24
CA SER A 151 6.96 -11.70 0.19
CA SER A 151 6.93 -11.68 0.19
C SER A 151 7.51 -10.97 -1.04
N HIS A 152 7.69 -9.66 -0.96
CA HIS A 152 8.20 -8.85 -2.09
C HIS A 152 9.13 -7.80 -1.51
N ASN A 153 10.10 -7.36 -2.31
CA ASN A 153 10.92 -6.16 -2.03
C ASN A 153 10.39 -4.97 -2.80
N VAL A 154 10.46 -3.81 -2.17
CA VAL A 154 9.98 -2.53 -2.77
C VAL A 154 11.20 -1.64 -2.96
N TYR A 155 11.46 -1.21 -4.18
CA TYR A 155 12.67 -0.45 -4.55
C TYR A 155 12.36 1.05 -4.55
N ILE A 156 13.04 1.74 -3.65
CA ILE A 156 12.88 3.21 -3.42
C ILE A 156 14.12 3.93 -3.97
N MET A 157 13.86 5.01 -4.69
CA MET A 157 14.88 5.91 -5.28
C MET A 157 14.46 7.34 -5.03
N PRO A 158 15.40 8.25 -4.79
CA PRO A 158 15.07 9.66 -4.61
C PRO A 158 14.58 10.18 -5.95
N ASP A 159 13.74 11.20 -5.90
CA ASP A 159 13.33 12.06 -7.04
C ASP A 159 13.53 13.50 -6.56
N LYS A 160 14.80 13.94 -6.46
CA LYS A 160 15.14 15.30 -5.98
C LYS A 160 14.32 16.32 -6.77
N ALA A 161 14.15 16.13 -8.08
CA ALA A 161 13.48 17.14 -8.95
C ALA A 161 12.07 17.48 -8.44
N ASN A 162 11.39 16.49 -7.88
CA ASN A 162 9.99 16.62 -7.39
C ASN A 162 9.99 16.59 -5.85
N ASN A 163 11.16 16.62 -5.20
CA ASN A 163 11.28 16.63 -3.71
C ASN A 163 10.53 15.40 -3.18
N GLY A 164 10.68 14.27 -3.83
CA GLY A 164 9.97 13.05 -3.37
C GLY A 164 10.69 11.80 -3.78
N LEU A 165 9.89 10.77 -4.17
CA LEU A 165 10.37 9.41 -4.46
C LEU A 165 9.84 8.89 -5.80
N LYS A 166 10.65 8.01 -6.40
CA LYS A 166 10.23 7.09 -7.50
C LYS A 166 10.37 5.67 -6.95
N VAL A 167 9.36 4.84 -7.10
CA VAL A 167 9.35 3.50 -6.45
C VAL A 167 8.86 2.51 -7.50
N ASN A 168 9.50 1.33 -7.55
CA ASN A 168 9.10 0.28 -8.52
C ASN A 168 9.25 -1.10 -7.86
N PHE A 169 8.43 -2.04 -8.28
CA PHE A 169 8.51 -3.44 -7.81
C PHE A 169 7.50 -4.25 -8.62
N LYS A 170 7.68 -5.56 -8.62
CA LYS A 170 6.78 -6.51 -9.32
C LYS A 170 6.11 -7.39 -8.27
N ILE A 171 4.80 -7.53 -8.33
CA ILE A 171 4.05 -8.46 -7.46
C ILE A 171 3.75 -9.69 -8.31
N ARG A 172 3.96 -10.87 -7.74
CA ARG A 172 3.68 -12.18 -8.36
C ARG A 172 2.45 -12.71 -7.64
N HIS A 173 1.30 -12.70 -8.32
CA HIS A 173 0.01 -13.24 -7.82
C HIS A 173 -0.17 -14.68 -8.32
N ASN A 174 -0.20 -15.67 -7.43
CA ASN A 174 -0.45 -17.08 -7.80
C ASN A 174 -1.84 -17.20 -8.41
N ILE A 175 -1.94 -17.90 -9.55
CA ILE A 175 -3.23 -18.21 -10.22
C ILE A 175 -3.72 -19.54 -9.64
N GLU A 176 -5.02 -19.62 -9.33
CA GLU A 176 -5.72 -20.89 -9.01
C GLU A 176 -5.39 -21.89 -10.13
N GLY A 177 -4.86 -23.05 -9.77
CA GLY A 177 -4.56 -24.15 -10.70
C GLY A 177 -3.11 -24.17 -11.16
N GLY A 178 -2.32 -23.15 -10.81
CA GLY A 178 -0.90 -22.99 -11.14
C GLY A 178 -0.67 -21.81 -12.08
N GLY A 179 0.49 -21.18 -12.02
CA GLY A 179 0.81 -20.04 -12.91
C GLY A 179 0.96 -18.80 -12.06
N VAL A 180 1.66 -17.79 -12.57
CA VAL A 180 1.88 -16.50 -11.85
C VAL A 180 1.35 -15.41 -12.76
N GLN A 181 0.57 -14.50 -12.20
CA GLN A 181 0.12 -13.24 -12.82
C GLN A 181 1.03 -12.14 -12.28
N LEU A 182 1.80 -11.48 -13.15
CA LEU A 182 2.63 -10.31 -12.76
C LEU A 182 1.80 -9.03 -12.73
N ALA A 183 2.00 -8.23 -11.70
CA ALA A 183 1.50 -6.84 -11.57
C ALA A 183 2.72 -5.92 -11.39
N ASP A 184 3.10 -5.21 -12.46
CA ASP A 184 4.27 -4.31 -12.47
CA ASP A 184 4.29 -4.32 -12.45
C ASP A 184 3.86 -2.96 -11.87
N HIS A 185 4.47 -2.57 -10.75
CA HIS A 185 4.15 -1.33 -10.01
C HIS A 185 5.14 -0.23 -10.31
N TYR A 186 4.63 0.90 -10.76
CA TYR A 186 5.35 2.17 -10.97
C TYR A 186 4.76 3.16 -9.98
N GLN A 187 5.58 3.77 -9.15
CA GLN A 187 5.02 4.60 -8.04
C GLN A 187 5.77 5.92 -7.89
N THR A 188 5.04 6.96 -7.50
CA THR A 188 5.62 8.25 -7.03
C THR A 188 5.05 8.64 -5.66
N ASN A 189 5.89 9.33 -4.87
CA ASN A 189 5.46 10.00 -3.63
C ASN A 189 5.98 11.44 -3.67
N VAL A 190 5.12 12.40 -3.34
CA VAL A 190 5.49 13.82 -3.23
C VAL A 190 4.82 14.35 -1.97
N PRO A 191 5.48 15.27 -1.24
CA PRO A 191 4.88 15.81 -0.02
C PRO A 191 3.64 16.67 -0.28
N LEU A 192 2.71 16.65 0.67
CA LEU A 192 1.52 17.52 0.68
C LEU A 192 1.82 18.84 1.39
N GLY A 193 2.73 18.82 2.36
CA GLY A 193 3.10 19.97 3.20
C GLY A 193 4.38 20.65 2.76
N ASP A 194 4.82 21.62 3.58
CA ASP A 194 5.93 22.57 3.32
C ASP A 194 7.15 22.23 4.15
N GLY A 195 6.99 21.37 5.16
CA GLY A 195 8.01 21.08 6.18
C GLY A 195 9.19 20.42 5.49
N PRO A 196 10.36 20.31 6.14
CA PRO A 196 11.49 19.60 5.51
C PRO A 196 11.13 18.11 5.41
N VAL A 197 11.58 17.45 4.35
CA VAL A 197 11.42 15.97 4.18
C VAL A 197 12.81 15.35 4.01
N LEU A 198 12.92 14.04 4.25
CA LEU A 198 14.17 13.28 4.07
C LEU A 198 14.15 12.70 2.66
N ILE A 199 15.11 13.08 1.84
CA ILE A 199 15.24 12.50 0.47
C ILE A 199 16.29 11.42 0.63
N PRO A 200 15.92 10.15 0.39
CA PRO A 200 16.82 9.04 0.67
C PRO A 200 17.80 8.69 -0.44
N ILE A 201 18.74 7.81 -0.11
CA ILE A 201 19.55 7.01 -1.07
CA ILE A 201 19.49 7.09 -1.17
C ILE A 201 18.65 5.88 -1.58
N ASN A 202 19.04 5.26 -2.68
CA ASN A 202 18.48 3.97 -3.14
C ASN A 202 18.46 3.01 -1.95
N HIS A 203 17.31 2.40 -1.68
CA HIS A 203 17.21 1.31 -0.68
C HIS A 203 15.97 0.50 -1.01
N TYR A 204 15.65 -0.53 -0.23
CA TYR A 204 14.39 -1.29 -0.45
C TYR A 204 13.72 -1.57 0.88
N LEU A 205 12.42 -1.83 0.80
CA LEU A 205 11.65 -2.45 1.90
C LEU A 205 11.46 -3.94 1.63
N SER A 206 11.64 -4.74 2.66
CA SER A 206 11.29 -6.18 2.73
C SER A 206 9.91 -6.32 3.35
N CYS A 207 8.99 -6.99 2.67
CA CYS A 207 7.54 -7.00 3.01
CA CYS A 207 7.56 -7.02 3.07
C CYS A 207 7.04 -8.45 3.09
N GLN A 208 6.54 -8.85 4.26
CA GLN A 208 5.83 -10.14 4.50
C GLN A 208 4.36 -9.83 4.81
N THR A 209 3.43 -10.62 4.29
CA THR A 209 1.98 -10.35 4.36
C THR A 209 1.25 -11.67 4.67
N ALA A 210 0.32 -11.65 5.58
CA ALA A 210 -0.58 -12.79 5.82
C ALA A 210 -2.01 -12.28 5.66
N ILE A 211 -2.76 -12.78 4.69
CA ILE A 211 -4.19 -12.40 4.54
C ILE A 211 -5.02 -13.60 4.95
N SER A 212 -6.16 -13.33 5.57
CA SER A 212 -7.04 -14.36 6.13
C SER A 212 -8.49 -13.87 6.11
N LYS A 213 -9.39 -14.71 6.66
CA LYS A 213 -10.82 -14.38 6.79
C LYS A 213 -11.18 -14.41 8.27
N ASP A 214 -12.16 -13.60 8.63
CA ASP A 214 -12.84 -13.60 9.94
C ASP A 214 -14.05 -14.54 9.85
N ARG A 215 -13.96 -15.63 10.59
CA ARG A 215 -15.00 -16.67 10.82
C ARG A 215 -16.36 -16.00 11.03
N ASN A 216 -16.42 -14.91 11.80
CA ASN A 216 -17.69 -14.25 12.22
C ASN A 216 -18.22 -13.25 11.19
N GLU A 217 -17.47 -12.91 10.15
CA GLU A 217 -17.75 -11.73 9.27
C GLU A 217 -18.63 -12.18 8.12
N THR A 218 -19.72 -11.47 7.84
CA THR A 218 -20.70 -11.82 6.78
C THR A 218 -20.49 -10.96 5.54
N ARG A 219 -19.67 -9.91 5.65
CA ARG A 219 -19.39 -9.04 4.49
C ARG A 219 -18.17 -9.59 3.74
N ASP A 220 -18.05 -9.22 2.47
CA ASP A 220 -16.85 -9.52 1.66
C ASP A 220 -15.72 -8.74 2.32
N HIS A 221 -14.62 -9.38 2.66
CA HIS A 221 -13.62 -8.81 3.60
C HIS A 221 -12.26 -9.49 3.47
N MET A 222 -11.26 -8.89 4.11
CA MET A 222 -9.85 -9.37 4.13
C MET A 222 -9.28 -9.01 5.50
N VAL A 223 -8.87 -10.02 6.27
CA VAL A 223 -8.08 -9.80 7.51
C VAL A 223 -6.62 -9.70 7.07
N PHE A 224 -5.91 -8.70 7.55
CA PHE A 224 -4.59 -8.28 7.04
C PHE A 224 -3.55 -8.14 8.17
N LEU A 225 -2.42 -8.80 7.97
CA LEU A 225 -1.20 -8.73 8.80
C LEU A 225 -0.03 -8.54 7.86
N GLU A 226 0.78 -7.53 8.16
CA GLU A 226 1.95 -7.18 7.32
CA GLU A 226 1.96 -7.23 7.34
C GLU A 226 3.11 -6.77 8.22
N PHE A 227 4.30 -7.21 7.88
CA PHE A 227 5.56 -6.75 8.50
C PHE A 227 6.46 -6.27 7.36
N PHE A 228 7.03 -5.08 7.52
CA PHE A 228 8.00 -4.57 6.53
C PHE A 228 9.11 -3.77 7.22
N SER A 229 10.31 -3.88 6.66
CA SER A 229 11.57 -3.32 7.19
C SER A 229 12.35 -2.70 6.03
N ALA A 230 12.97 -1.56 6.28
CA ALA A 230 13.95 -0.91 5.40
C ALA A 230 15.29 -1.66 5.48
N CYS A 231 15.91 -1.95 4.33
CA CYS A 231 17.26 -2.58 4.22
C CYS A 231 18.16 -1.75 3.29
N GLY A 232 19.46 -1.60 3.64
CA GLY A 232 20.45 -0.85 2.82
C GLY A 232 21.88 -1.32 3.04
C1 EDO B . 5.61 27.02 -0.81
O1 EDO B . 4.49 27.31 -0.02
C2 EDO B . 5.89 25.57 -0.88
O2 EDO B . 6.60 25.23 -2.04
C1 EDO C . 3.63 6.78 -12.41
O1 EDO C . 3.65 6.59 -11.01
C2 EDO C . 2.27 6.69 -12.96
O2 EDO C . 1.29 6.53 -11.96
C1 EDO D . 9.75 4.46 -11.67
O1 EDO D . 10.69 3.70 -10.93
C2 EDO D . 8.50 4.68 -10.88
O2 EDO D . 7.80 5.89 -11.16
C1 EDO E . 2.00 27.24 -1.32
O1 EDO E . 2.25 26.17 -0.40
C2 EDO E . 2.61 27.05 -2.67
O2 EDO E . 2.90 28.28 -3.32
C1 EDO F . 9.76 -7.77 11.45
O1 EDO F . 9.52 -8.42 10.19
C2 EDO F . 10.06 -6.31 11.35
O2 EDO F . 9.27 -5.57 10.43
C1 PEG G . 11.40 -10.71 -3.09
O1 PEG G . 11.17 -12.10 -2.88
C2 PEG G . 11.02 -10.30 -4.48
O2 PEG G . 10.61 -8.93 -4.49
C3 PEG G . 9.84 -8.62 -5.64
C4 PEG G . 9.27 -7.23 -5.56
O4 PEG G . 9.81 -6.35 -6.53
C1 GOL H . -13.02 7.66 -0.87
O1 GOL H . -11.61 7.49 -0.79
C2 GOL H . -13.78 6.36 -1.06
O2 GOL H . -14.17 5.79 0.19
C3 GOL H . -15.02 6.50 -1.92
O3 GOL H . -15.53 5.22 -2.32
#